data_7N8T
#
_entry.id   7N8T
#
_cell.length_a   65.388
_cell.length_b   68.247
_cell.length_c   98.190
_cell.angle_alpha   90.000
_cell.angle_beta   90.000
_cell.angle_gamma   90.000
#
_symmetry.space_group_name_H-M   'P 21 21 21'
#
loop_
_entity.id
_entity.type
_entity.pdbx_description
1 polymer 'Mitogen-activated protein kinase 9'
2 non-polymer 'ADENOSINE MONOPHOSPHATE'
3 non-polymer 'HEXAETHYLENE GLYCOL'
4 water water
#
_entity_poly.entity_id   1
_entity_poly.type   'polypeptide(L)'
_entity_poly.pdbx_seq_one_letter_code
;FYSVEVADSTFTVLKRYQQLKPIGSGAQGIVCAAFDTVLGINVAVKKLSRPFQNQTHAKRAYRELVLLKCVNHKNIISLL
NVFTPQKTLEEFQDVYLVMELMDANLCQVIHMELDHERMSYLLYQMLCGIKHLHSAGIIHRDLKPSNIVVKSDCTLKILD
FGLARTACTNFMMTPYVVTRYYRAPEVILGMGYAANVDIWSVGCIMGELVKGCVIFQGTDHIDQWNKVIEQLGTPSAEFM
AALQPTVRNYVENRPKYPGIKFEELFPDWIFPSESERDKIKTSQARDLLSKMLVIDPDKRISVDEALRHPYITVWYDPAE
AEAPPPQIYDAQLEEREHAIEEWKELIYKEVMDWE
;
_entity_poly.pdbx_strand_id   A
#
loop_
_chem_comp.id
_chem_comp.type
_chem_comp.name
_chem_comp.formula
AMP non-polymer 'ADENOSINE MONOPHOSPHATE' 'C10 H14 N5 O7 P'
P6G non-polymer 'HEXAETHYLENE GLYCOL' 'C12 H26 O7'
#
# COMPACT_ATOMS: atom_id res chain seq x y z
N PHE A 1 -17.10 -26.56 -16.72
CA PHE A 1 -16.65 -25.18 -16.61
C PHE A 1 -15.28 -25.09 -15.95
N TYR A 2 -15.02 -25.96 -14.98
CA TYR A 2 -13.88 -25.84 -14.08
C TYR A 2 -12.92 -27.01 -14.22
N SER A 3 -11.72 -26.79 -13.69
CA SER A 3 -10.66 -27.82 -13.61
C SER A 3 -9.88 -27.51 -12.33
N VAL A 4 -9.32 -28.51 -11.69
CA VAL A 4 -8.49 -28.28 -10.48
C VAL A 4 -7.02 -28.50 -10.83
N GLU A 5 -6.14 -27.65 -10.30
CA GLU A 5 -4.69 -27.76 -10.55
C GLU A 5 -4.04 -27.56 -9.19
N VAL A 6 -2.96 -28.24 -8.87
CA VAL A 6 -2.37 -27.98 -7.52
C VAL A 6 -1.11 -27.11 -7.63
N ALA A 7 -1.06 -25.99 -6.90
CA ALA A 7 0.18 -25.18 -6.86
C ALA A 7 0.91 -25.60 -5.59
N ASP A 8 0.47 -25.14 -4.42
CA ASP A 8 0.96 -25.68 -3.12
C ASP A 8 -0.35 -26.02 -2.42
N SER A 9 -1.45 -25.46 -2.94
CA SER A 9 -2.84 -25.71 -2.48
C SER A 9 -3.62 -25.88 -3.78
N THR A 10 -4.79 -26.52 -3.77
CA THR A 10 -5.46 -26.75 -5.04
C THR A 10 -6.28 -25.53 -5.47
N PHE A 11 -6.12 -25.19 -6.74
CA PHE A 11 -6.87 -24.07 -7.34
C PHE A 11 -7.90 -24.65 -8.31
N THR A 12 -9.16 -24.39 -8.07
CA THR A 12 -10.26 -24.82 -8.94
C THR A 12 -10.78 -23.61 -9.70
N VAL A 13 -10.43 -23.58 -10.99
CA VAL A 13 -10.68 -22.35 -11.77
C VAL A 13 -11.40 -22.61 -13.09
N LEU A 14 -11.95 -21.55 -13.66
CA LEU A 14 -12.59 -21.64 -14.96
C LEU A 14 -11.60 -22.07 -16.02
N LYS A 15 -12.07 -22.88 -16.98
CA LYS A 15 -11.19 -23.47 -17.98
C LYS A 15 -10.44 -22.42 -18.80
N ARG A 16 -10.97 -21.21 -18.90
CA ARG A 16 -10.30 -20.14 -19.63
C ARG A 16 -8.93 -19.78 -19.03
N TYR A 17 -8.68 -20.17 -17.78
CA TYR A 17 -7.41 -19.86 -17.09
C TYR A 17 -6.51 -21.09 -17.14
N GLN A 18 -5.40 -20.98 -17.87
CA GLN A 18 -4.50 -22.10 -18.11
C GLN A 18 -3.10 -21.78 -17.60
N GLN A 19 -2.29 -22.83 -17.47
CA GLN A 19 -0.87 -22.68 -17.07
C GLN A 19 -0.73 -21.86 -15.80
N LEU A 20 -1.25 -22.39 -14.70
CA LEU A 20 -1.16 -21.65 -13.42
C LEU A 20 0.21 -21.90 -12.79
N LYS A 21 0.83 -20.84 -12.26
CA LYS A 21 2.19 -20.95 -11.65
C LYS A 21 2.35 -19.88 -10.54
N PRO A 22 2.79 -20.26 -9.32
CA PRO A 22 2.93 -19.30 -8.20
C PRO A 22 3.86 -18.10 -8.46
N ILE A 23 3.36 -16.88 -8.20
CA ILE A 23 4.16 -15.67 -8.34
C ILE A 23 4.37 -14.95 -7.02
N GLY A 24 3.79 -15.42 -5.95
CA GLY A 24 3.94 -14.76 -4.66
C GLY A 24 3.05 -15.39 -3.64
N SER A 25 3.19 -14.92 -2.41
CA SER A 25 2.52 -15.50 -1.27
C SER A 25 2.21 -14.40 -0.27
N GLY A 26 1.01 -14.46 0.32
CA GLY A 26 0.59 -13.45 1.29
C GLY A 26 -0.35 -13.99 2.35
N ALA A 27 -0.99 -13.08 3.10
CA ALA A 27 -1.90 -13.49 4.16
C ALA A 27 -3.08 -14.28 3.63
N GLN A 28 -3.53 -13.99 2.41
CA GLN A 28 -4.63 -14.74 1.82
C GLN A 28 -4.16 -15.93 0.99
N GLY A 29 -2.90 -16.33 1.12
CA GLY A 29 -2.44 -17.53 0.44
C GLY A 29 -1.61 -17.28 -0.80
N ILE A 30 -1.73 -18.19 -1.77
CA ILE A 30 -0.92 -18.15 -2.98
C ILE A 30 -1.58 -17.31 -4.04
N VAL A 31 -0.78 -16.56 -4.79
CA VAL A 31 -1.21 -15.87 -6.00
C VAL A 31 -0.54 -16.57 -7.18
N CYS A 32 -1.31 -16.83 -8.23
CA CYS A 32 -0.78 -17.48 -9.41
C CYS A 32 -0.82 -16.54 -10.61
N ALA A 33 0.11 -16.72 -11.53
CA ALA A 33 -0.06 -16.20 -12.87
C ALA A 33 -0.78 -17.25 -13.71
N ALA A 34 -1.52 -16.78 -14.71
CA ALA A 34 -2.20 -17.69 -15.62
C ALA A 34 -2.39 -17.00 -16.97
N PHE A 35 -2.64 -17.81 -17.99
CA PHE A 35 -2.99 -17.30 -19.30
C PHE A 35 -4.49 -17.42 -19.49
N ASP A 36 -5.14 -16.32 -19.81
CA ASP A 36 -6.58 -16.28 -20.03
C ASP A 36 -6.79 -16.49 -21.51
N THR A 37 -7.07 -17.73 -21.90
CA THR A 37 -7.22 -18.05 -23.32
C THR A 37 -8.36 -17.26 -23.96
N VAL A 38 -9.32 -16.80 -23.19
CA VAL A 38 -10.45 -16.07 -23.75
C VAL A 38 -10.06 -14.64 -24.10
N LEU A 39 -9.25 -14.00 -23.25
CA LEU A 39 -8.79 -12.64 -23.49
C LEU A 39 -7.48 -12.61 -24.26
N GLY A 40 -6.73 -13.69 -24.27
CA GLY A 40 -5.42 -13.71 -24.88
C GLY A 40 -4.33 -13.05 -24.07
N ILE A 41 -4.61 -12.66 -22.83
CA ILE A 41 -3.64 -11.95 -22.00
C ILE A 41 -3.29 -12.82 -20.80
N ASN A 42 -2.14 -12.51 -20.19
CA ASN A 42 -1.77 -13.13 -18.93
C ASN A 42 -2.45 -12.40 -17.79
N VAL A 43 -2.78 -13.14 -16.72
CA VAL A 43 -3.53 -12.60 -15.59
C VAL A 43 -2.95 -13.12 -14.28
N ALA A 44 -3.33 -12.46 -13.18
CA ALA A 44 -3.03 -12.96 -11.85
C ALA A 44 -4.30 -13.55 -11.24
N VAL A 45 -4.13 -14.64 -10.50
CA VAL A 45 -5.28 -15.33 -9.88
C VAL A 45 -5.01 -15.52 -8.41
N LYS A 46 -5.89 -14.98 -7.58
CA LYS A 46 -5.78 -15.03 -6.12
C LYS A 46 -6.97 -15.82 -5.59
N LYS A 47 -6.73 -16.69 -4.61
CA LYS A 47 -7.77 -17.51 -4.03
C LYS A 47 -8.00 -17.09 -2.59
N LEU A 48 -9.23 -16.70 -2.26
CA LEU A 48 -9.63 -16.40 -0.89
C LEU A 48 -10.34 -17.64 -0.35
N SER A 49 -9.71 -18.31 0.62
CA SER A 49 -10.23 -19.54 1.21
C SER A 49 -11.13 -19.23 2.40
N ARG A 50 -12.40 -19.61 2.31
CA ARG A 50 -13.43 -19.36 3.31
C ARG A 50 -13.26 -17.99 3.95
N PRO A 51 -13.35 -16.92 3.17
CA PRO A 51 -13.10 -15.58 3.74
C PRO A 51 -14.15 -15.16 4.76
N PHE A 52 -15.29 -15.83 4.82
CA PHE A 52 -16.34 -15.54 5.77
C PHE A 52 -16.18 -16.32 7.06
N GLN A 53 -15.06 -17.04 7.24
CA GLN A 53 -14.90 -17.92 8.39
C GLN A 53 -14.97 -17.16 9.71
N ASN A 54 -14.55 -15.90 9.71
CA ASN A 54 -14.63 -15.10 10.93
C ASN A 54 -14.95 -13.67 10.53
N GLN A 55 -15.41 -12.90 11.52
CA GLN A 55 -15.91 -11.55 11.26
C GLN A 55 -14.82 -10.63 10.70
N THR A 56 -13.61 -10.72 11.25
CA THR A 56 -12.50 -9.88 10.81
C THR A 56 -12.18 -10.09 9.33
N HIS A 57 -11.90 -11.35 8.96
CA HIS A 57 -11.56 -11.64 7.57
C HIS A 57 -12.75 -11.40 6.66
N ALA A 58 -13.97 -11.65 7.13
CA ALA A 58 -15.14 -11.41 6.28
C ALA A 58 -15.26 -9.94 5.92
N LYS A 59 -15.16 -9.06 6.92
CA LYS A 59 -15.28 -7.64 6.64
C LYS A 59 -14.17 -7.18 5.69
N ARG A 60 -12.95 -7.68 5.91
CA ARG A 60 -11.84 -7.31 5.02
C ARG A 60 -12.08 -7.77 3.59
N ALA A 61 -12.55 -9.02 3.41
CA ALA A 61 -12.77 -9.55 2.07
C ALA A 61 -13.91 -8.82 1.36
N TYR A 62 -15.00 -8.55 2.09
CA TYR A 62 -16.12 -7.87 1.48
C TYR A 62 -15.72 -6.47 1.03
N ARG A 63 -14.97 -5.78 1.86
CA ARG A 63 -14.50 -4.43 1.51
C ARG A 63 -13.63 -4.47 0.25
N GLU A 64 -12.71 -5.44 0.17
CA GLU A 64 -11.82 -5.55 -0.98
C GLU A 64 -12.59 -5.84 -2.25
N LEU A 65 -13.56 -6.75 -2.20
CA LEU A 65 -14.36 -7.05 -3.38
C LEU A 65 -15.12 -5.82 -3.86
N VAL A 66 -15.79 -5.13 -2.93
CA VAL A 66 -16.61 -3.98 -3.31
C VAL A 66 -15.74 -2.88 -3.90
N LEU A 67 -14.58 -2.63 -3.26
CA LEU A 67 -13.71 -1.54 -3.70
C LEU A 67 -13.01 -1.87 -5.01
N LEU A 68 -12.51 -3.11 -5.13
CA LEU A 68 -11.82 -3.48 -6.37
C LEU A 68 -12.74 -3.27 -7.57
N LYS A 69 -14.01 -3.62 -7.41
CA LYS A 69 -14.96 -3.45 -8.50
C LYS A 69 -15.19 -1.97 -8.81
N CYS A 70 -15.54 -1.19 -7.80
CA CYS A 70 -15.98 0.19 -7.97
CA CYS A 70 -15.99 0.15 -8.12
C CYS A 70 -14.86 1.11 -8.42
N VAL A 71 -13.62 0.78 -8.09
CA VAL A 71 -12.49 1.66 -8.39
C VAL A 71 -11.95 1.32 -9.77
N ASN A 72 -11.63 2.34 -10.54
CA ASN A 72 -11.03 2.15 -11.86
C ASN A 72 -10.01 3.28 -12.01
N HIS A 73 -8.77 3.04 -11.59
CA HIS A 73 -7.73 4.05 -11.70
C HIS A 73 -6.46 3.35 -12.18
N LYS A 74 -5.69 4.02 -13.06
CA LYS A 74 -4.58 3.30 -13.68
C LYS A 74 -3.48 2.91 -12.70
N ASN A 75 -3.45 3.48 -11.50
CA ASN A 75 -2.40 3.14 -10.53
C ASN A 75 -2.94 2.32 -9.36
N ILE A 76 -4.13 1.75 -9.50
CA ILE A 76 -4.70 0.80 -8.56
C ILE A 76 -5.00 -0.48 -9.33
N ILE A 77 -4.59 -1.64 -8.80
CA ILE A 77 -4.71 -2.87 -9.56
C ILE A 77 -6.16 -3.12 -10.00
N SER A 78 -6.32 -3.49 -11.27
CA SER A 78 -7.64 -3.74 -11.87
C SER A 78 -8.10 -5.16 -11.57
N LEU A 79 -9.35 -5.28 -11.17
CA LEU A 79 -10.08 -6.54 -11.07
C LEU A 79 -10.71 -6.87 -12.42
N LEU A 80 -10.37 -8.03 -12.97
CA LEU A 80 -10.85 -8.46 -14.28
C LEU A 80 -12.02 -9.45 -14.20
N ASN A 81 -12.05 -10.29 -13.16
CA ASN A 81 -13.09 -11.30 -13.01
C ASN A 81 -13.11 -11.76 -11.57
N VAL A 82 -14.29 -12.24 -11.14
CA VAL A 82 -14.46 -12.86 -9.82
C VAL A 82 -15.36 -14.08 -10.04
N PHE A 83 -15.01 -15.21 -9.42
CA PHE A 83 -15.87 -16.38 -9.58
C PHE A 83 -15.74 -17.30 -8.38
N THR A 84 -16.74 -18.16 -8.21
CA THR A 84 -16.59 -19.27 -7.29
C THR A 84 -16.94 -20.56 -8.01
N PRO A 85 -16.19 -21.63 -7.74
CA PRO A 85 -16.53 -22.93 -8.32
C PRO A 85 -17.70 -23.61 -7.63
N GLN A 86 -18.12 -23.15 -6.46
CA GLN A 86 -19.24 -23.81 -5.78
C GLN A 86 -20.59 -23.32 -6.30
N LYS A 87 -21.60 -24.22 -6.24
CA LYS A 87 -22.84 -24.07 -6.98
C LYS A 87 -23.99 -23.45 -6.19
N THR A 88 -23.90 -23.36 -4.88
CA THR A 88 -24.98 -22.82 -4.05
C THR A 88 -24.38 -21.98 -2.95
N LEU A 89 -25.22 -21.12 -2.36
CA LEU A 89 -24.81 -20.39 -1.16
C LEU A 89 -24.32 -21.35 -0.08
N GLU A 90 -25.04 -22.44 0.15
CA GLU A 90 -24.67 -23.34 1.24
C GLU A 90 -23.29 -23.93 1.01
N GLU A 91 -23.00 -24.39 -0.22
CA GLU A 91 -21.73 -25.04 -0.50
C GLU A 91 -20.58 -24.06 -0.72
N PHE A 92 -20.89 -22.78 -0.89
CA PHE A 92 -19.90 -21.73 -1.14
C PHE A 92 -18.74 -21.81 -0.15
N GLN A 93 -17.53 -21.92 -0.67
CA GLN A 93 -16.29 -22.01 0.11
C GLN A 93 -15.29 -20.92 -0.27
N ASP A 94 -15.00 -20.79 -1.56
CA ASP A 94 -13.81 -20.06 -2.02
C ASP A 94 -14.19 -19.02 -3.06
N VAL A 95 -13.46 -17.90 -3.03
CA VAL A 95 -13.62 -16.82 -3.98
C VAL A 95 -12.30 -16.69 -4.75
N TYR A 96 -12.37 -16.64 -6.06
CA TYR A 96 -11.20 -16.41 -6.90
C TYR A 96 -11.27 -15.01 -7.50
N LEU A 97 -10.21 -14.21 -7.32
CA LEU A 97 -10.09 -12.90 -7.93
C LEU A 97 -9.08 -13.00 -9.07
N VAL A 98 -9.44 -12.45 -10.22
CA VAL A 98 -8.57 -12.41 -11.39
C VAL A 98 -8.18 -10.95 -11.59
N MET A 99 -6.87 -10.67 -11.53
CA MET A 99 -6.36 -9.31 -11.62
CA MET A 99 -6.33 -9.32 -11.60
C MET A 99 -5.42 -9.17 -12.82
N GLU A 100 -5.18 -7.92 -13.21
CA GLU A 100 -4.15 -7.72 -14.23
C GLU A 100 -2.81 -8.17 -13.65
N LEU A 101 -1.95 -8.71 -14.50
CA LEU A 101 -0.70 -9.34 -14.07
C LEU A 101 0.45 -8.35 -14.22
N MET A 102 1.16 -8.10 -13.12
CA MET A 102 2.31 -7.21 -13.17
C MET A 102 3.58 -8.06 -13.10
N ASP A 103 4.75 -7.42 -13.19
CA ASP A 103 6.00 -8.18 -13.31
C ASP A 103 6.72 -8.41 -11.98
N ALA A 104 6.57 -7.53 -11.00
CA ALA A 104 7.32 -7.63 -9.76
C ALA A 104 6.67 -6.70 -8.75
N ASN A 105 7.03 -6.84 -7.49
CA ASN A 105 6.74 -5.81 -6.52
C ASN A 105 7.97 -4.93 -6.34
N LEU A 106 7.83 -3.86 -5.53
CA LEU A 106 8.90 -2.88 -5.41
C LEU A 106 10.14 -3.42 -4.68
N CYS A 107 10.01 -4.51 -3.92
CA CYS A 107 11.18 -5.12 -3.31
C CYS A 107 12.25 -5.42 -4.36
N GLN A 108 11.82 -5.85 -5.55
CA GLN A 108 12.77 -6.15 -6.61
C GLN A 108 13.39 -4.88 -7.18
N VAL A 109 12.62 -3.80 -7.20
CA VAL A 109 13.08 -2.57 -7.84
C VAL A 109 14.13 -1.85 -7.01
N ILE A 110 14.16 -2.12 -5.69
CA ILE A 110 15.09 -1.44 -4.81
C ILE A 110 16.53 -1.69 -5.22
N HIS A 111 16.80 -2.82 -5.88
CA HIS A 111 18.16 -3.18 -6.26
C HIS A 111 18.49 -2.84 -7.70
N MET A 112 17.63 -2.09 -8.39
CA MET A 112 17.77 -1.94 -9.84
C MET A 112 18.41 -0.62 -10.26
N GLU A 113 18.96 0.13 -9.31
CA GLU A 113 19.80 1.30 -9.61
C GLU A 113 19.07 2.27 -10.55
N LEU A 114 17.85 2.67 -10.17
CA LEU A 114 17.08 3.51 -11.08
C LEU A 114 17.60 4.94 -11.10
N ASP A 115 17.44 5.61 -12.26
CA ASP A 115 17.84 7.00 -12.44
C ASP A 115 16.69 7.94 -12.05
N HIS A 116 16.90 9.25 -12.17
CA HIS A 116 15.89 10.21 -11.72
C HIS A 116 14.59 10.04 -12.49
N GLU A 117 14.67 9.81 -13.80
CA GLU A 117 13.46 9.73 -14.61
C GLU A 117 12.59 8.56 -14.14
N ARG A 118 13.20 7.40 -13.93
CA ARG A 118 12.41 6.24 -13.52
C ARG A 118 11.96 6.37 -12.06
N MET A 119 12.82 6.91 -11.19
CA MET A 119 12.44 7.03 -9.78
C MET A 119 11.29 8.00 -9.63
N SER A 120 11.38 9.17 -10.28
CA SER A 120 10.33 10.15 -10.12
C SER A 120 9.04 9.67 -10.75
N TYR A 121 9.13 8.87 -11.82
CA TYR A 121 7.91 8.38 -12.46
C TYR A 121 7.19 7.36 -11.58
N LEU A 122 7.95 6.45 -10.95
CA LEU A 122 7.34 5.55 -9.97
C LEU A 122 6.69 6.34 -8.83
N LEU A 123 7.37 7.37 -8.33
CA LEU A 123 6.82 8.12 -7.19
C LEU A 123 5.57 8.89 -7.60
N TYR A 124 5.56 9.45 -8.81
CA TYR A 124 4.39 10.15 -9.30
C TYR A 124 3.19 9.20 -9.32
N GLN A 125 3.40 7.99 -9.84
CA GLN A 125 2.31 7.04 -9.96
C GLN A 125 1.81 6.61 -8.59
N MET A 126 2.73 6.38 -7.65
CA MET A 126 2.33 6.04 -6.30
CA MET A 126 2.33 6.04 -6.29
C MET A 126 1.46 7.14 -5.69
N LEU A 127 1.88 8.39 -5.86
CA LEU A 127 1.13 9.50 -5.28
C LEU A 127 -0.21 9.68 -5.97
N CYS A 128 -0.29 9.43 -7.29
CA CYS A 128 -1.58 9.44 -7.98
C CYS A 128 -2.52 8.41 -7.41
N GLY A 129 -2.03 7.19 -7.19
CA GLY A 129 -2.89 6.16 -6.63
C GLY A 129 -3.36 6.50 -5.23
N ILE A 130 -2.47 7.04 -4.40
CA ILE A 130 -2.84 7.42 -3.04
C ILE A 130 -3.84 8.56 -3.05
N LYS A 131 -3.60 9.58 -3.89
CA LYS A 131 -4.57 10.67 -4.06
C LYS A 131 -5.96 10.15 -4.40
N HIS A 132 -6.04 9.19 -5.31
CA HIS A 132 -7.33 8.64 -5.69
C HIS A 132 -8.01 7.93 -4.51
N LEU A 133 -7.25 7.13 -3.75
CA LEU A 133 -7.79 6.52 -2.54
C LEU A 133 -8.30 7.58 -1.57
N HIS A 134 -7.51 8.64 -1.34
CA HIS A 134 -7.89 9.65 -0.36
C HIS A 134 -9.16 10.37 -0.80
N SER A 135 -9.27 10.65 -2.09
CA SER A 135 -10.48 11.28 -2.63
CA SER A 135 -10.48 11.28 -2.63
C SER A 135 -11.70 10.39 -2.49
N ALA A 136 -11.51 9.08 -2.44
CA ALA A 136 -12.60 8.14 -2.21
C ALA A 136 -12.88 7.92 -0.73
N GLY A 137 -12.14 8.55 0.17
CA GLY A 137 -12.36 8.40 1.59
C GLY A 137 -11.53 7.32 2.25
N ILE A 138 -10.45 6.86 1.60
CA ILE A 138 -9.67 5.72 2.05
C ILE A 138 -8.26 6.20 2.37
N ILE A 139 -7.86 6.08 3.64
CA ILE A 139 -6.44 6.21 4.01
C ILE A 139 -5.87 4.81 4.04
N HIS A 140 -4.78 4.59 3.30
CA HIS A 140 -4.30 3.22 3.09
C HIS A 140 -3.74 2.64 4.39
N ARG A 141 -2.79 3.33 5.02
CA ARG A 141 -2.13 3.04 6.29
C ARG A 141 -1.16 1.86 6.29
N ASP A 142 -1.02 1.14 5.18
CA ASP A 142 -0.10 0.00 5.19
C ASP A 142 0.66 -0.12 3.88
N LEU A 143 1.03 1.01 3.28
CA LEU A 143 1.83 0.97 2.06
C LEU A 143 3.21 0.39 2.36
N LYS A 144 3.68 -0.49 1.48
CA LYS A 144 5.02 -1.04 1.65
C LYS A 144 5.46 -1.62 0.32
N PRO A 145 6.75 -1.87 0.14
CA PRO A 145 7.23 -2.33 -1.18
C PRO A 145 6.51 -3.57 -1.65
N SER A 146 6.11 -4.46 -0.73
CA SER A 146 5.53 -5.72 -1.18
C SER A 146 4.10 -5.59 -1.68
N ASN A 147 3.37 -4.52 -1.38
CA ASN A 147 2.01 -4.40 -1.93
C ASN A 147 1.92 -3.27 -2.96
N ILE A 148 3.04 -2.97 -3.62
CA ILE A 148 3.10 -2.10 -4.78
C ILE A 148 3.79 -2.88 -5.90
N VAL A 149 3.16 -2.95 -7.08
CA VAL A 149 3.68 -3.79 -8.15
C VAL A 149 3.94 -2.95 -9.39
N VAL A 150 4.88 -3.43 -10.22
CA VAL A 150 5.41 -2.66 -11.34
C VAL A 150 5.53 -3.57 -12.55
N LYS A 151 5.45 -2.97 -13.74
CA LYS A 151 5.76 -3.66 -14.98
C LYS A 151 7.11 -3.19 -15.50
N SER A 152 7.69 -3.94 -16.44
CA SER A 152 8.99 -3.58 -16.98
CA SER A 152 9.00 -3.56 -16.95
C SER A 152 8.98 -2.26 -17.74
N ASP A 153 7.82 -1.74 -18.11
CA ASP A 153 7.75 -0.42 -18.74
C ASP A 153 7.64 0.69 -17.71
N CYS A 154 7.86 0.39 -16.43
CA CYS A 154 7.89 1.31 -15.30
C CYS A 154 6.50 1.74 -14.85
N THR A 155 5.43 1.12 -15.34
CA THR A 155 4.10 1.40 -14.81
C THR A 155 3.93 0.71 -13.46
N LEU A 156 3.07 1.28 -12.63
CA LEU A 156 3.00 0.95 -11.21
C LEU A 156 1.56 0.92 -10.75
N LYS A 157 1.23 -0.07 -9.90
CA LYS A 157 -0.11 -0.12 -9.31
C LYS A 157 -0.02 -0.50 -7.84
N ILE A 158 -0.87 0.12 -7.05
CA ILE A 158 -1.11 -0.26 -5.66
C ILE A 158 -1.98 -1.51 -5.62
N LEU A 159 -1.59 -2.51 -4.82
CA LEU A 159 -2.23 -3.83 -4.90
C LEU A 159 -3.51 -3.96 -4.05
N ASP A 160 -3.65 -3.20 -2.98
CA ASP A 160 -4.79 -3.39 -2.11
C ASP A 160 -5.20 -2.07 -1.49
N PHE A 161 -6.32 -2.08 -0.76
CA PHE A 161 -6.88 -0.84 -0.22
C PHE A 161 -6.52 -0.61 1.24
N GLY A 162 -5.54 -1.35 1.75
CA GLY A 162 -5.02 -1.01 3.05
C GLY A 162 -5.97 -1.46 4.16
N LEU A 163 -5.84 -0.80 5.29
CA LEU A 163 -6.49 -1.21 6.53
C LEU A 163 -7.60 -0.22 6.85
N ALA A 164 -8.84 -0.70 6.87
CA ALA A 164 -9.95 0.13 7.34
C ALA A 164 -9.73 0.57 8.78
N ARG A 165 -10.27 1.75 9.12
CA ARG A 165 -10.24 2.20 10.51
C ARG A 165 -11.23 1.35 11.30
N THR A 166 -10.73 0.66 12.32
CA THR A 166 -11.61 -0.23 13.06
C THR A 166 -11.18 -0.25 14.53
N ALA A 167 -12.17 -0.27 15.41
CA ALA A 167 -11.92 -0.51 16.82
C ALA A 167 -11.70 -2.00 17.05
N CYS A 168 -10.69 -2.34 17.82
CA CYS A 168 -10.42 -3.75 18.07
C CYS A 168 -11.15 -4.18 19.33
N THR A 169 -11.85 -5.30 19.21
CA THR A 169 -12.71 -5.84 20.23
C THR A 169 -12.33 -7.30 20.38
N ASN A 170 -13.02 -8.03 21.26
CA ASN A 170 -12.72 -9.44 21.42
C ASN A 170 -13.06 -10.26 20.18
N PHE A 171 -13.95 -9.75 19.33
CA PHE A 171 -14.44 -10.52 18.20
C PHE A 171 -14.13 -9.88 16.86
N MET A 172 -13.67 -8.62 16.86
CA MET A 172 -13.10 -7.92 15.69
C MET A 172 -11.61 -7.74 15.97
N MET A 173 -10.80 -8.68 15.54
CA MET A 173 -9.43 -8.71 15.98
C MET A 173 -8.50 -8.12 14.91
N THR A 174 -7.22 -8.07 15.26
CA THR A 174 -6.21 -7.38 14.48
C THR A 174 -5.19 -8.41 14.01
N PRO A 175 -5.06 -8.66 12.70
CA PRO A 175 -3.97 -9.54 12.26
C PRO A 175 -2.62 -8.99 12.72
N TYR A 176 -1.72 -9.90 13.08
CA TYR A 176 -0.41 -9.50 13.54
C TYR A 176 0.36 -8.94 12.35
N VAL A 177 1.08 -7.84 12.60
CA VAL A 177 1.77 -7.10 11.55
C VAL A 177 3.23 -7.53 11.57
N VAL A 178 3.71 -8.10 10.46
CA VAL A 178 5.11 -8.50 10.40
C VAL A 178 6.01 -7.33 10.05
N THR A 179 5.69 -6.63 8.95
CA THR A 179 6.54 -5.59 8.38
C THR A 179 6.07 -4.23 8.89
N ARG A 180 6.88 -3.60 9.76
CA ARG A 180 6.53 -2.34 10.41
C ARG A 180 7.44 -1.18 10.01
N TYR A 181 8.33 -1.39 9.06
CA TYR A 181 9.37 -0.40 8.76
C TYR A 181 8.83 0.84 8.09
N TYR A 182 7.62 0.79 7.54
CA TYR A 182 7.10 1.88 6.71
C TYR A 182 5.99 2.65 7.42
N ARG A 183 5.73 2.34 8.69
CA ARG A 183 4.60 2.93 9.40
C ARG A 183 5.05 4.20 10.12
N ALA A 184 4.25 5.26 9.99
CA ALA A 184 4.59 6.57 10.56
C ALA A 184 4.69 6.50 12.08
N PRO A 185 5.53 7.35 12.68
CA PRO A 185 5.77 7.24 14.12
C PRO A 185 4.60 7.67 14.96
N GLU A 186 3.68 8.49 14.44
CA GLU A 186 2.58 8.92 15.31
C GLU A 186 1.76 7.74 15.81
N VAL A 187 1.76 6.61 15.11
CA VAL A 187 1.01 5.45 15.58
C VAL A 187 1.60 4.93 16.89
N ILE A 188 2.90 4.59 16.88
CA ILE A 188 3.54 4.07 18.08
C ILE A 188 3.72 5.12 19.16
N LEU A 189 3.54 6.40 18.83
CA LEU A 189 3.55 7.46 19.82
C LEU A 189 2.19 7.65 20.48
N GLY A 190 1.18 6.89 20.05
CA GLY A 190 -0.14 7.01 20.65
C GLY A 190 -0.91 8.23 20.23
N MET A 191 -0.56 8.83 19.09
CA MET A 191 -1.13 10.10 18.67
C MET A 191 -2.34 9.97 17.76
N GLY A 192 -2.65 8.78 17.26
CA GLY A 192 -3.62 8.67 16.18
C GLY A 192 -3.04 9.25 14.91
N TYR A 193 -3.80 9.17 13.82
CA TYR A 193 -3.19 9.46 12.53
C TYR A 193 -4.17 10.17 11.61
N ALA A 194 -3.62 10.78 10.58
CA ALA A 194 -4.43 11.43 9.56
C ALA A 194 -3.99 10.93 8.21
N ALA A 195 -4.45 11.55 7.12
CA ALA A 195 -4.19 10.98 5.80
C ALA A 195 -2.70 10.97 5.44
N ASN A 196 -1.92 11.92 5.96
CA ASN A 196 -0.50 11.94 5.59
C ASN A 196 0.34 10.91 6.34
N VAL A 197 -0.30 10.01 7.09
CA VAL A 197 0.37 8.76 7.45
C VAL A 197 0.89 8.07 6.19
N ASP A 198 0.18 8.21 5.06
CA ASP A 198 0.60 7.54 3.84
C ASP A 198 1.83 8.22 3.23
N ILE A 199 1.99 9.53 3.48
CA ILE A 199 3.14 10.25 2.95
C ILE A 199 4.43 9.78 3.63
N TRP A 200 4.36 9.48 4.93
CA TRP A 200 5.53 8.94 5.62
C TRP A 200 5.97 7.64 4.95
N SER A 201 5.02 6.76 4.65
CA SER A 201 5.38 5.50 3.98
C SER A 201 6.01 5.76 2.62
N VAL A 202 5.48 6.72 1.86
CA VAL A 202 6.08 7.01 0.56
C VAL A 202 7.52 7.51 0.74
N GLY A 203 7.73 8.35 1.76
CA GLY A 203 9.08 8.79 2.06
C GLY A 203 10.02 7.63 2.37
N CYS A 204 9.53 6.63 3.12
CA CYS A 204 10.36 5.48 3.46
C CYS A 204 10.67 4.63 2.22
N ILE A 205 9.69 4.48 1.34
CA ILE A 205 9.87 3.71 0.12
C ILE A 205 10.80 4.43 -0.83
N MET A 206 10.65 5.76 -0.93
CA MET A 206 11.53 6.51 -1.80
C MET A 206 12.96 6.45 -1.29
N GLY A 207 13.13 6.57 0.03
CA GLY A 207 14.46 6.51 0.59
C GLY A 207 15.12 5.18 0.29
N GLU A 208 14.36 4.09 0.39
CA GLU A 208 14.90 2.76 0.13
C GLU A 208 15.22 2.55 -1.35
N LEU A 209 14.39 3.11 -2.25
CA LEU A 209 14.68 3.02 -3.67
C LEU A 209 15.99 3.73 -4.00
N VAL A 210 16.29 4.81 -3.29
CA VAL A 210 17.50 5.56 -3.58
C VAL A 210 18.71 4.89 -2.95
N LYS A 211 18.58 4.42 -1.71
CA LYS A 211 19.72 3.94 -0.94
C LYS A 211 19.96 2.44 -1.07
N GLY A 212 18.93 1.68 -1.43
CA GLY A 212 19.06 0.24 -1.55
C GLY A 212 18.94 -0.53 -0.26
N CYS A 213 18.55 0.13 0.84
CA CYS A 213 18.33 -0.56 2.11
C CYS A 213 17.16 0.10 2.83
N VAL A 214 16.60 -0.62 3.81
CA VAL A 214 15.49 -0.10 4.61
C VAL A 214 15.98 1.10 5.42
N ILE A 215 15.21 2.20 5.37
CA ILE A 215 15.63 3.42 6.06
C ILE A 215 15.52 3.27 7.58
N PHE A 216 14.38 2.80 8.08
CA PHE A 216 14.14 2.68 9.53
C PHE A 216 13.85 1.22 9.87
N GLN A 217 14.87 0.47 10.26
CA GLN A 217 14.72 -0.99 10.34
C GLN A 217 14.75 -1.43 11.81
N GLY A 218 13.65 -1.20 12.52
CA GLY A 218 13.57 -1.56 13.91
C GLY A 218 12.95 -2.92 14.18
N THR A 219 13.37 -3.54 15.27
CA THR A 219 12.88 -4.87 15.67
C THR A 219 11.64 -4.83 16.58
N ASP A 220 11.22 -3.65 17.01
CA ASP A 220 10.10 -3.47 17.92
C ASP A 220 9.88 -1.98 18.02
N HIS A 221 8.86 -1.56 18.78
CA HIS A 221 8.55 -0.13 18.88
C HIS A 221 9.72 0.65 19.43
N ILE A 222 10.38 0.13 20.47
CA ILE A 222 11.47 0.85 21.11
C ILE A 222 12.60 1.06 20.11
N ASP A 223 13.01 -0.03 19.44
CA ASP A 223 14.08 0.07 18.46
C ASP A 223 13.69 0.98 17.30
N GLN A 224 12.43 0.89 16.84
CA GLN A 224 11.99 1.74 15.73
C GLN A 224 12.11 3.22 16.06
N TRP A 225 11.71 3.61 17.28
CA TRP A 225 11.78 5.01 17.65
C TRP A 225 13.24 5.48 17.70
N ASN A 226 14.13 4.66 18.25
CA ASN A 226 15.55 5.01 18.25
C ASN A 226 16.07 5.21 16.84
N LYS A 227 15.72 4.31 15.91
CA LYS A 227 16.26 4.46 14.57
C LYS A 227 15.71 5.71 13.88
N VAL A 228 14.50 6.11 14.23
CA VAL A 228 13.93 7.34 13.69
C VAL A 228 14.68 8.57 14.22
N ILE A 229 14.87 8.66 15.55
CA ILE A 229 15.46 9.89 16.10
C ILE A 229 16.96 9.99 15.82
N GLU A 230 17.67 8.86 15.72
CA GLU A 230 19.08 8.85 15.34
C GLU A 230 19.33 9.49 13.98
N GLN A 231 18.37 9.36 13.06
CA GLN A 231 18.53 9.92 11.72
C GLN A 231 17.88 11.29 11.57
N LEU A 232 16.64 11.43 12.07
CA LEU A 232 15.90 12.68 11.86
C LEU A 232 16.08 13.66 13.00
N GLY A 233 16.54 13.21 14.15
CA GLY A 233 16.71 14.07 15.31
C GLY A 233 15.53 14.00 16.26
N THR A 234 15.80 14.26 17.53
CA THR A 234 14.75 14.43 18.53
C THR A 234 13.75 15.47 18.05
N PRO A 235 12.44 15.19 18.13
CA PRO A 235 11.45 16.20 17.73
C PRO A 235 11.39 17.36 18.71
N SER A 236 10.56 18.36 18.42
CA SER A 236 10.59 19.59 19.21
C SER A 236 10.05 19.35 20.62
N ALA A 237 10.46 20.23 21.54
CA ALA A 237 9.96 20.16 22.90
C ALA A 237 8.43 20.28 22.93
N GLU A 238 7.86 21.11 22.05
CA GLU A 238 6.41 21.26 22.04
C GLU A 238 5.73 19.99 21.54
N PHE A 239 6.34 19.32 20.57
CA PHE A 239 5.76 18.07 20.07
C PHE A 239 5.77 17.00 21.15
N MET A 240 6.91 16.86 21.83
CA MET A 240 7.06 15.86 22.88
C MET A 240 6.11 16.15 24.04
N ALA A 241 5.99 17.43 24.40
CA ALA A 241 5.14 17.82 25.52
C ALA A 241 3.66 17.55 25.27
N ALA A 242 3.23 17.47 24.00
CA ALA A 242 1.85 17.17 23.68
C ALA A 242 1.51 15.69 23.77
N LEU A 243 2.49 14.83 23.99
CA LEU A 243 2.25 13.40 24.10
C LEU A 243 1.60 13.05 25.44
N GLN A 244 0.95 11.89 25.47
CA GLN A 244 0.43 11.38 26.73
C GLN A 244 1.56 11.10 27.72
N PRO A 245 1.28 11.19 29.04
CA PRO A 245 2.36 11.20 30.04
C PRO A 245 3.38 10.07 29.97
N THR A 246 2.95 8.80 29.91
CA THR A 246 3.94 7.73 29.88
C THR A 246 4.83 7.81 28.64
N VAL A 247 4.21 8.07 27.48
CA VAL A 247 4.97 8.20 26.25
C VAL A 247 5.86 9.43 26.29
N ARG A 248 5.29 10.57 26.71
CA ARG A 248 6.07 11.80 26.86
C ARG A 248 7.32 11.58 27.70
N ASN A 249 7.15 11.02 28.90
CA ASN A 249 8.30 10.84 29.79
C ASN A 249 9.36 9.98 29.13
N TYR A 250 8.93 8.93 28.43
CA TYR A 250 9.89 8.04 27.78
C TYR A 250 10.67 8.77 26.69
N VAL A 251 9.95 9.47 25.80
CA VAL A 251 10.66 10.09 24.68
CA VAL A 251 10.58 10.14 24.67
C VAL A 251 11.46 11.29 25.13
N GLU A 252 11.03 12.02 26.17
CA GLU A 252 11.86 13.10 26.70
C GLU A 252 13.10 12.57 27.42
N ASN A 253 13.05 11.34 27.94
CA ASN A 253 14.18 10.72 28.63
C ASN A 253 15.21 10.10 27.68
N ARG A 254 14.88 9.94 26.40
CA ARG A 254 15.85 9.37 25.48
CA ARG A 254 15.83 9.39 25.45
C ARG A 254 17.03 10.33 25.32
N PRO A 255 18.19 9.81 24.97
CA PRO A 255 19.30 10.69 24.59
C PRO A 255 18.82 11.58 23.44
N LYS A 256 19.36 12.78 23.38
CA LYS A 256 18.96 13.72 22.36
C LYS A 256 19.87 13.61 21.14
N TYR A 257 19.27 13.81 19.96
CA TYR A 257 19.99 13.72 18.69
C TYR A 257 19.68 14.94 17.83
N PRO A 258 20.69 15.46 17.14
CA PRO A 258 20.47 16.63 16.28
C PRO A 258 19.74 16.27 15.00
N GLY A 259 19.90 15.04 14.54
CA GLY A 259 19.42 14.70 13.21
C GLY A 259 20.55 14.85 12.22
N ILE A 260 20.61 13.96 11.23
CA ILE A 260 21.60 14.04 10.18
C ILE A 260 21.04 14.90 9.07
N LYS A 261 21.79 15.92 8.66
CA LYS A 261 21.33 16.78 7.57
C LYS A 261 21.05 15.94 6.33
N PHE A 262 19.99 16.30 5.60
CA PHE A 262 19.63 15.45 4.47
C PHE A 262 20.69 15.49 3.39
N GLU A 263 21.51 16.55 3.36
CA GLU A 263 22.64 16.54 2.44
C GLU A 263 23.67 15.49 2.80
N GLU A 264 23.72 15.05 4.06
CA GLU A 264 24.60 13.97 4.46
C GLU A 264 23.90 12.63 4.43
N LEU A 265 22.61 12.63 4.73
CA LEU A 265 21.85 11.40 4.77
C LEU A 265 21.61 10.87 3.37
N PHE A 266 21.36 11.75 2.41
CA PHE A 266 21.13 11.39 1.02
C PHE A 266 22.07 12.23 0.17
N PRO A 267 23.36 11.89 0.15
CA PRO A 267 24.35 12.78 -0.50
C PRO A 267 24.31 12.72 -2.02
N ASP A 268 24.89 13.76 -2.65
CA ASP A 268 24.82 13.88 -4.11
C ASP A 268 25.30 12.61 -4.80
N TRP A 269 26.33 11.96 -4.25
CA TRP A 269 27.01 10.91 -5.00
C TRP A 269 26.29 9.56 -4.98
N ILE A 270 25.13 9.44 -4.30
CA ILE A 270 24.31 8.24 -4.45
C ILE A 270 23.22 8.45 -5.50
N PHE A 271 23.08 9.66 -6.04
CA PHE A 271 22.15 10.00 -7.12
C PHE A 271 22.89 10.19 -8.44
N PRO A 272 22.19 10.10 -9.56
CA PRO A 272 22.79 10.58 -10.82
C PRO A 272 23.23 12.03 -10.73
N SER A 273 24.40 12.32 -11.34
CA SER A 273 24.88 13.70 -11.43
C SER A 273 25.64 13.95 -12.71
N GLU A 274 25.29 13.25 -13.79
CA GLU A 274 26.01 13.40 -15.06
C GLU A 274 25.85 14.82 -15.59
N SER A 275 24.62 15.32 -15.62
CA SER A 275 24.27 16.56 -16.28
C SER A 275 23.88 17.63 -15.27
N GLU A 276 23.74 18.86 -15.78
CA GLU A 276 23.21 19.93 -14.96
C GLU A 276 21.77 19.63 -14.53
N ARG A 277 21.01 18.99 -15.42
CA ARG A 277 19.66 18.54 -15.10
C ARG A 277 19.67 17.56 -13.95
N ASP A 278 20.61 16.60 -13.96
CA ASP A 278 20.70 15.62 -12.88
C ASP A 278 20.95 16.28 -11.53
N LYS A 279 21.78 17.33 -11.50
CA LYS A 279 22.10 18.01 -10.25
C LYS A 279 20.90 18.76 -9.71
N ILE A 280 20.09 19.35 -10.60
CA ILE A 280 18.87 20.01 -10.16
C ILE A 280 17.91 18.97 -9.60
N LYS A 281 17.78 17.84 -10.28
CA LYS A 281 16.86 16.80 -9.84
C LYS A 281 17.29 16.19 -8.52
N THR A 282 18.60 16.02 -8.31
CA THR A 282 19.06 15.54 -6.99
C THR A 282 18.65 16.48 -5.87
N SER A 283 18.86 17.78 -6.04
CA SER A 283 18.39 18.73 -5.04
C SER A 283 16.89 18.61 -4.82
N GLN A 284 16.13 18.42 -5.90
CA GLN A 284 14.67 18.32 -5.77
C GLN A 284 14.28 17.04 -5.05
N ALA A 285 14.94 15.92 -5.39
CA ALA A 285 14.61 14.66 -4.72
C ALA A 285 14.89 14.76 -3.22
N ARG A 286 16.04 15.34 -2.86
CA ARG A 286 16.34 15.47 -1.45
C ARG A 286 15.37 16.41 -0.74
N ASP A 287 14.98 17.51 -1.40
CA ASP A 287 13.96 18.40 -0.83
C ASP A 287 12.66 17.66 -0.56
N LEU A 288 12.22 16.83 -1.51
CA LEU A 288 10.97 16.11 -1.29
C LEU A 288 11.11 15.12 -0.15
N LEU A 289 12.23 14.39 -0.11
CA LEU A 289 12.46 13.45 1.00
C LEU A 289 12.43 14.16 2.35
N SER A 290 13.03 15.35 2.43
CA SER A 290 13.06 16.10 3.68
C SER A 290 11.68 16.62 4.10
N LYS A 291 10.71 16.67 3.19
CA LYS A 291 9.36 17.10 3.49
C LYS A 291 8.41 15.93 3.77
N MET A 292 8.76 14.71 3.37
CA MET A 292 7.96 13.52 3.67
C MET A 292 8.44 12.81 4.95
N LEU A 293 9.75 12.69 5.14
CA LEU A 293 10.31 12.05 6.34
C LEU A 293 10.43 13.08 7.46
N VAL A 294 9.27 13.40 8.02
CA VAL A 294 9.10 14.42 9.04
C VAL A 294 8.28 13.79 10.15
N ILE A 295 8.82 13.76 11.37
CA ILE A 295 8.16 13.05 12.46
C ILE A 295 6.81 13.69 12.79
N ASP A 296 6.77 15.03 12.86
CA ASP A 296 5.56 15.73 13.26
C ASP A 296 4.59 15.77 12.08
N PRO A 297 3.46 15.05 12.15
CA PRO A 297 2.54 15.04 11.00
C PRO A 297 1.98 16.41 10.68
N ASP A 298 1.90 17.32 11.64
CA ASP A 298 1.45 18.68 11.33
CA ASP A 298 1.43 18.67 11.32
C ASP A 298 2.42 19.43 10.43
N LYS A 299 3.68 19.00 10.36
CA LYS A 299 4.64 19.65 9.48
C LYS A 299 4.97 18.83 8.25
N ARG A 300 4.42 17.63 8.13
CA ARG A 300 4.72 16.76 7.00
C ARG A 300 3.88 17.19 5.79
N ILE A 301 4.47 17.09 4.60
CA ILE A 301 3.78 17.48 3.36
C ILE A 301 2.56 16.59 3.11
N SER A 302 1.55 17.17 2.45
CA SER A 302 0.34 16.43 2.02
C SER A 302 0.55 15.77 0.67
N VAL A 303 -0.34 14.82 0.33
CA VAL A 303 -0.27 14.19 -0.99
CA VAL A 303 -0.22 14.20 -0.99
C VAL A 303 -0.44 15.23 -2.08
N ASP A 304 -1.37 16.19 -1.85
CA ASP A 304 -1.59 17.21 -2.89
C ASP A 304 -0.33 18.04 -3.12
N GLU A 305 0.36 18.40 -2.03
CA GLU A 305 1.58 19.19 -2.13
C GLU A 305 2.70 18.38 -2.76
N ALA A 306 2.77 17.08 -2.43
CA ALA A 306 3.81 16.23 -3.01
C ALA A 306 3.63 16.08 -4.52
N LEU A 307 2.39 16.00 -4.99
CA LEU A 307 2.15 15.88 -6.42
C LEU A 307 2.54 17.14 -7.17
N ARG A 308 2.47 18.30 -6.51
CA ARG A 308 2.89 19.57 -7.11
C ARG A 308 4.40 19.80 -7.02
N HIS A 309 5.13 18.96 -6.29
CA HIS A 309 6.55 19.19 -6.05
C HIS A 309 7.33 19.12 -7.37
N PRO A 310 8.34 19.99 -7.55
CA PRO A 310 9.11 19.99 -8.81
C PRO A 310 9.68 18.63 -9.22
N TYR A 311 10.03 17.75 -8.27
CA TYR A 311 10.57 16.44 -8.62
C TYR A 311 9.53 15.57 -9.32
N ILE A 312 8.26 15.75 -8.96
CA ILE A 312 7.17 14.85 -9.30
C ILE A 312 6.34 15.39 -10.46
N THR A 313 6.09 16.69 -10.45
CA THR A 313 5.06 17.29 -11.30
C THR A 313 5.46 17.31 -12.77
N VAL A 314 6.71 17.03 -13.11
CA VAL A 314 7.13 16.89 -14.50
C VAL A 314 6.35 15.78 -15.21
N TRP A 315 5.74 14.87 -14.47
CA TRP A 315 5.05 13.72 -15.06
C TRP A 315 3.56 13.97 -15.21
N TYR A 316 3.07 15.09 -14.73
CA TYR A 316 1.66 15.41 -14.86
C TYR A 316 1.37 15.76 -16.32
N ASP A 317 0.43 15.05 -16.94
CA ASP A 317 0.03 15.36 -18.31
C ASP A 317 -1.40 15.88 -18.30
N PRO A 318 -1.62 17.16 -18.65
CA PRO A 318 -3.00 17.69 -18.65
C PRO A 318 -3.89 17.06 -19.71
N ALA A 319 -3.33 16.43 -20.75
CA ALA A 319 -4.11 15.82 -21.80
C ALA A 319 -4.57 14.40 -21.47
N GLU A 320 -4.13 13.84 -20.34
CA GLU A 320 -4.48 12.47 -19.97
C GLU A 320 -5.88 12.43 -19.37
N ALA A 321 -6.63 11.37 -19.67
CA ALA A 321 -7.95 11.20 -19.09
C ALA A 321 -7.86 11.03 -17.58
N GLU A 322 -8.60 11.85 -16.85
CA GLU A 322 -8.67 11.71 -15.41
C GLU A 322 -9.49 10.48 -15.04
N ALA A 323 -9.35 10.04 -13.80
CA ALA A 323 -10.23 8.96 -13.36
C ALA A 323 -11.36 9.55 -12.53
N PRO A 324 -12.60 9.15 -12.81
CA PRO A 324 -13.71 9.61 -11.99
C PRO A 324 -13.61 9.05 -10.59
N PRO A 325 -14.00 9.81 -9.57
CA PRO A 325 -14.14 9.25 -8.22
C PRO A 325 -15.05 8.03 -8.26
N PRO A 326 -14.73 7.02 -7.46
CA PRO A 326 -15.57 5.81 -7.47
C PRO A 326 -16.92 6.11 -6.84
N GLN A 327 -17.91 5.35 -7.27
CA GLN A 327 -19.25 5.46 -6.68
C GLN A 327 -19.47 4.19 -5.88
N ILE A 328 -19.12 4.26 -4.61
CA ILE A 328 -19.17 3.12 -3.70
C ILE A 328 -20.62 2.95 -3.27
N TYR A 329 -21.33 2.00 -3.89
CA TYR A 329 -22.76 1.86 -3.69
C TYR A 329 -23.13 1.41 -2.28
N ASP A 330 -22.20 0.80 -1.55
CA ASP A 330 -22.43 0.39 -0.16
C ASP A 330 -21.87 1.50 0.72
N ALA A 331 -22.75 2.40 1.18
CA ALA A 331 -22.33 3.50 2.03
C ALA A 331 -21.77 2.98 3.35
N GLN A 332 -22.53 2.14 4.06
CA GLN A 332 -22.07 1.57 5.32
C GLN A 332 -21.07 0.45 5.04
N LEU A 333 -19.94 0.82 4.46
CA LEU A 333 -18.90 -0.17 4.18
C LEU A 333 -18.04 -0.45 5.39
N GLU A 334 -17.95 0.52 6.31
CA GLU A 334 -17.21 0.36 7.57
C GLU A 334 -18.11 0.20 8.77
N GLU A 335 -19.39 0.51 8.66
CA GLU A 335 -20.33 0.45 9.76
C GLU A 335 -21.08 -0.88 9.82
N ARG A 336 -20.52 -1.93 9.23
CA ARG A 336 -21.22 -3.21 9.07
C ARG A 336 -20.89 -4.13 10.23
N GLU A 337 -21.93 -4.63 10.89
CA GLU A 337 -21.77 -5.68 11.90
C GLU A 337 -22.71 -6.82 11.56
N HIS A 338 -22.16 -8.02 11.38
CA HIS A 338 -22.93 -9.14 10.88
C HIS A 338 -22.44 -10.42 11.52
N ALA A 339 -23.36 -11.37 11.67
CA ALA A 339 -22.96 -12.72 12.01
C ALA A 339 -22.34 -13.39 10.79
N ILE A 340 -21.59 -14.47 11.05
CA ILE A 340 -20.85 -15.19 10.02
C ILE A 340 -21.78 -15.55 8.86
N GLU A 341 -22.97 -16.07 9.17
CA GLU A 341 -23.89 -16.50 8.13
C GLU A 341 -24.31 -15.33 7.23
N GLU A 342 -24.47 -14.14 7.82
CA GLU A 342 -24.85 -12.98 7.02
C GLU A 342 -23.68 -12.50 6.18
N TRP A 343 -22.46 -12.54 6.71
CA TRP A 343 -21.30 -12.17 5.91
C TRP A 343 -21.15 -13.12 4.73
N LYS A 344 -21.36 -14.41 4.97
CA LYS A 344 -21.23 -15.38 3.91
C LYS A 344 -22.17 -15.06 2.76
N GLU A 345 -23.44 -14.75 3.09
CA GLU A 345 -24.38 -14.41 2.03
C GLU A 345 -24.03 -13.09 1.36
N LEU A 346 -23.58 -12.09 2.12
CA LEU A 346 -23.19 -10.82 1.51
C LEU A 346 -22.08 -11.02 0.49
N ILE A 347 -21.07 -11.81 0.86
CA ILE A 347 -19.94 -12.05 -0.03
C ILE A 347 -20.38 -12.89 -1.23
N TYR A 348 -21.20 -13.92 -0.98
CA TYR A 348 -21.70 -14.72 -2.09
C TYR A 348 -22.44 -13.87 -3.11
N LYS A 349 -23.30 -12.96 -2.63
CA LYS A 349 -24.05 -12.13 -3.56
C LYS A 349 -23.13 -11.21 -4.35
N GLU A 350 -22.09 -10.69 -3.71
CA GLU A 350 -21.11 -9.88 -4.44
C GLU A 350 -20.48 -10.68 -5.55
N VAL A 351 -20.12 -11.93 -5.28
CA VAL A 351 -19.49 -12.78 -6.28
C VAL A 351 -20.47 -13.11 -7.40
N MET A 352 -21.71 -13.46 -7.05
CA MET A 352 -22.71 -13.79 -8.07
C MET A 352 -23.07 -12.58 -8.94
N ASP A 353 -23.00 -11.37 -8.37
CA ASP A 353 -23.28 -10.13 -9.09
C ASP A 353 -22.31 -9.92 -10.24
N TRP A 354 -21.21 -10.68 -10.26
CA TRP A 354 -20.26 -10.59 -11.35
C TRP A 354 -20.65 -11.50 -12.51
N GLU A 355 -21.14 -12.71 -12.21
CA GLU A 355 -21.64 -13.63 -13.22
C GLU A 355 -22.90 -13.09 -13.90
P AMP B . -0.39 -10.17 -1.72
O1P AMP B . -0.25 -11.11 -0.58
O2P AMP B . -0.13 -8.72 -1.48
O3P AMP B . -1.74 -10.34 -2.30
O5' AMP B . 0.67 -10.63 -2.83
C5' AMP B . 1.94 -11.14 -2.46
C4' AMP B . 2.91 -10.95 -3.60
O4' AMP B . 2.36 -11.53 -4.80
C3' AMP B . 3.18 -9.50 -3.97
O3' AMP B . 4.16 -8.91 -3.15
C2' AMP B . 3.60 -9.61 -5.43
O2' AMP B . 4.97 -10.02 -5.53
C1' AMP B . 2.71 -10.74 -5.92
N9 AMP B . 1.47 -10.26 -6.56
C8 AMP B . 0.20 -10.14 -6.04
N7 AMP B . -0.67 -9.68 -6.90
C5 AMP B . 0.06 -9.51 -8.06
C6 AMP B . -0.28 -9.05 -9.36
N6 AMP B . -1.52 -8.67 -9.71
N1 AMP B . 0.69 -9.00 -10.28
C2 AMP B . 1.93 -9.38 -9.93
N3 AMP B . 2.38 -9.83 -8.76
C4 AMP B . 1.38 -9.86 -7.87
O1 P6G C . 12.56 -8.25 -12.98
C2 P6G C . 11.58 -7.47 -13.67
C3 P6G C . 10.86 -6.51 -12.77
O4 P6G C . 10.45 -5.35 -13.49
C5 P6G C . 10.66 -4.14 -12.74
C6 P6G C . 10.62 -2.94 -13.63
O7 P6G C . 11.26 -1.82 -12.99
C8 P6G C . 11.34 -0.66 -13.82
C9 P6G C . 12.71 -0.53 -14.39
O10 P6G C . 12.73 0.44 -15.42
C11 P6G C . 12.46 -0.08 -16.70
C12 P6G C . 12.74 0.94 -17.76
O13 P6G C . 11.52 1.51 -18.22
C14 P6G C . 11.70 2.80 -18.77
C15 P6G C . 10.43 3.58 -18.67
O16 P6G C . 10.67 4.98 -18.75
C17 P6G C . 9.81 5.73 -17.91
C18 P6G C . 9.62 7.10 -18.47
O19 P6G C . 8.26 7.34 -18.81
#